data_7L9X
#
_entry.id   7L9X
#
_cell.length_a   77.876
_cell.length_b   77.876
_cell.length_c   132.826
_cell.angle_alpha   90.000
_cell.angle_beta   90.000
_cell.angle_gamma   120.000
#
_symmetry.space_group_name_H-M   'P 65'
#
loop_
_entity.id
_entity.type
_entity.pdbx_description
1 polymer 'Vacuolar protein sorting-associated protein 4B'
2 non-polymer N-{3-[(8-phenyl[1,2,4]triazolo[1,5-a]pyridin-2-yl)amino]phenyl}propanamide
3 non-polymer 'SULFATE ION'
4 water water
#
_entity_poly.entity_id   1
_entity_poly.type   'polypeptide(L)'
_entity_poly.pdbx_seq_one_letter_code
;SHMSSTSPNLQKAIDLASKAAQEDKAGNYEEALQLYQHAVQYFLHVVKYEAQGDKAKQSIRAKCTEYLDRAEKLKEYLKN
KEKKAQKPVKEGQPSPADEKGNDSDGEGESDDPEKKKLQNQLQGAIVIERPNVKWSCVAGLEGAKEALKEAVILPIKFPH
LFTGKRTPWRGILLFGPPGTGKSYLAKAVATEANNSTFFSISSSDLVSKWLGESEKLVKNLFQLARENKPSIIFIDEIDS
LCGSRSENESEAARRIKTEFLVQMQGVGVDNDGILVLGATNIPWVLDSAIRRRFEKRIYIPLPEPHARAAMFKLHLGTTQ
NSLTEADFRELGRKTDGYSGADISIIVRDALMQPVRKVQSATHFKKVRGPSRADPNHLVDDLLTPCSPGDPGAIEMTWMD
VPGDKLLEPVVSMSDMLRSLSNTKPTVNEHDLLKLKKFTEDFGQEG
;
_entity_poly.pdbx_strand_id   A
#
loop_
_chem_comp.id
_chem_comp.type
_chem_comp.name
_chem_comp.formula
SO4 non-polymer 'SULFATE ION' 'O4 S -2'
XQV non-polymer N-{3-[(8-phenyl[1,2,4]triazolo[1,5-a]pyridin-2-yl)amino]phenyl}propanamide 'C21 H19 N5 O'
#
# COMPACT_ATOMS: atom_id res chain seq x y z
N ILE A 128 -4.52 7.00 -17.74
CA ILE A 128 -3.55 8.06 -17.96
C ILE A 128 -2.13 7.54 -17.77
N GLU A 129 -1.84 6.99 -16.59
CA GLU A 129 -0.56 6.35 -16.32
C GLU A 129 -0.76 4.98 -15.70
N ARG A 130 0.03 4.01 -16.17
CA ARG A 130 -0.04 2.58 -15.90
C ARG A 130 0.75 2.22 -14.66
N PRO A 131 0.12 1.60 -13.67
CA PRO A 131 0.88 1.13 -12.50
C PRO A 131 1.66 -0.14 -12.83
N ASN A 132 2.65 -0.45 -11.98
CA ASN A 132 3.38 -1.69 -12.12
C ASN A 132 3.59 -2.29 -10.72
N VAL A 133 2.56 -3.00 -10.26
CA VAL A 133 2.58 -3.75 -9.02
C VAL A 133 2.24 -5.19 -9.35
N LYS A 134 3.11 -6.11 -8.95
CA LYS A 134 2.86 -7.50 -9.24
C LYS A 134 2.06 -8.12 -8.08
N TRP A 135 1.44 -9.27 -8.37
CA TRP A 135 0.75 -10.00 -7.31
C TRP A 135 1.70 -10.39 -6.17
N SER A 136 2.92 -10.81 -6.52
CA SER A 136 3.83 -11.30 -5.50
C SER A 136 4.18 -10.23 -4.50
N CYS A 137 4.09 -8.96 -4.88
CA CYS A 137 4.54 -7.89 -4.01
C CYS A 137 3.51 -7.55 -2.93
N VAL A 138 2.21 -7.74 -3.19
CA VAL A 138 1.22 -7.50 -2.15
C VAL A 138 1.21 -8.68 -1.18
N ALA A 139 1.25 -8.37 0.12
CA ALA A 139 1.42 -9.37 1.16
C ALA A 139 0.06 -9.82 1.70
N GLY A 140 -0.09 -11.13 1.89
CA GLY A 140 -1.33 -11.69 2.35
C GLY A 140 -2.44 -11.44 1.35
N LEU A 141 -3.64 -11.23 1.88
CA LEU A 141 -4.81 -10.86 1.07
C LEU A 141 -5.16 -11.93 0.05
N GLU A 142 -4.86 -13.20 0.36
CA GLU A 142 -5.08 -14.29 -0.59
C GLU A 142 -6.55 -14.41 -0.97
N GLY A 143 -7.45 -14.19 -0.02
CA GLY A 143 -8.87 -14.26 -0.32
C GLY A 143 -9.29 -13.20 -1.31
N ALA A 144 -8.91 -11.95 -1.04
CA ALA A 144 -9.28 -10.83 -1.91
C ALA A 144 -8.71 -11.01 -3.32
N LYS A 145 -7.53 -11.64 -3.45
CA LYS A 145 -6.97 -11.89 -4.77
C LYS A 145 -7.85 -12.84 -5.57
N GLU A 146 -8.34 -13.90 -4.94
CA GLU A 146 -9.18 -14.87 -5.65
C GLU A 146 -10.49 -14.24 -6.09
N ALA A 147 -11.05 -13.34 -5.28
CA ALA A 147 -12.31 -12.69 -5.66
C ALA A 147 -12.08 -11.67 -6.76
N LEU A 148 -10.97 -10.93 -6.70
CA LEU A 148 -10.69 -9.95 -7.74
C LEU A 148 -10.22 -10.64 -9.03
N LYS A 149 -9.61 -11.83 -8.93
CA LYS A 149 -9.40 -12.63 -10.12
C LYS A 149 -10.73 -13.05 -10.73
N GLU A 150 -11.66 -13.49 -9.89
CA GLU A 150 -12.96 -13.97 -10.37
C GLU A 150 -13.82 -12.84 -10.92
N ALA A 151 -13.63 -11.62 -10.43
CA ALA A 151 -14.53 -10.52 -10.76
C ALA A 151 -13.95 -9.53 -11.75
N VAL A 152 -12.63 -9.45 -11.89
CA VAL A 152 -12.02 -8.39 -12.70
C VAL A 152 -11.10 -8.97 -13.76
N ILE A 153 -10.20 -9.86 -13.36
CA ILE A 153 -9.15 -10.31 -14.27
C ILE A 153 -9.68 -11.37 -15.24
N LEU A 154 -10.28 -12.43 -14.71
CA LEU A 154 -10.79 -13.49 -15.56
C LEU A 154 -11.80 -13.01 -16.62
N PRO A 155 -12.68 -12.04 -16.34
CA PRO A 155 -13.55 -11.55 -17.42
C PRO A 155 -12.81 -10.78 -18.50
N ILE A 156 -11.72 -10.08 -18.16
CA ILE A 156 -11.01 -9.33 -19.18
C ILE A 156 -10.21 -10.25 -20.09
N LYS A 157 -9.50 -11.23 -19.51
CA LYS A 157 -8.73 -12.17 -20.32
C LYS A 157 -9.63 -13.10 -21.12
N PHE A 158 -10.78 -13.50 -20.57
CA PHE A 158 -11.72 -14.41 -21.22
C PHE A 158 -13.07 -13.72 -21.32
N PRO A 159 -13.22 -12.79 -22.27
CA PRO A 159 -14.52 -12.13 -22.43
C PRO A 159 -15.62 -13.06 -22.86
N HIS A 160 -15.31 -14.07 -23.67
CA HIS A 160 -16.31 -14.99 -24.20
C HIS A 160 -16.91 -15.89 -23.15
N LEU A 161 -16.31 -15.98 -21.97
CA LEU A 161 -16.96 -16.72 -20.89
C LEU A 161 -18.11 -15.93 -20.32
N PHE A 162 -17.91 -14.63 -20.10
CA PHE A 162 -18.92 -13.75 -19.52
C PHE A 162 -19.74 -13.14 -20.65
N THR A 163 -20.76 -13.87 -21.08
CA THR A 163 -21.71 -13.39 -22.08
C THR A 163 -23.12 -13.45 -21.51
N GLY A 164 -24.00 -12.66 -22.12
CA GLY A 164 -25.41 -12.70 -21.81
C GLY A 164 -25.73 -12.43 -20.35
N LYS A 165 -26.09 -13.49 -19.62
CA LYS A 165 -26.54 -13.33 -18.24
C LYS A 165 -25.41 -12.89 -17.32
N ARG A 166 -24.18 -13.27 -17.63
CA ARG A 166 -23.02 -12.99 -16.78
C ARG A 166 -22.10 -11.99 -17.48
N THR A 167 -21.90 -10.85 -16.85
CA THR A 167 -20.91 -9.85 -17.25
C THR A 167 -20.30 -9.26 -15.99
N PRO A 168 -19.09 -8.71 -16.05
CA PRO A 168 -18.45 -8.16 -14.85
C PRO A 168 -19.37 -7.20 -14.09
N TRP A 169 -19.27 -7.25 -12.76
CA TRP A 169 -20.07 -6.38 -11.92
C TRP A 169 -19.80 -4.91 -12.27
N ARG A 170 -20.85 -4.08 -12.14
CA ARG A 170 -20.71 -2.67 -12.50
C ARG A 170 -19.64 -2.00 -11.65
N GLY A 171 -19.61 -2.29 -10.35
CA GLY A 171 -18.65 -1.68 -9.46
C GLY A 171 -18.34 -2.51 -8.23
N ILE A 172 -17.07 -2.54 -7.85
CA ILE A 172 -16.61 -3.27 -6.67
C ILE A 172 -16.30 -2.26 -5.58
N LEU A 173 -16.70 -2.57 -4.36
CA LEU A 173 -16.42 -1.73 -3.21
C LEU A 173 -15.48 -2.46 -2.27
N LEU A 174 -14.32 -1.86 -2.00
CA LEU A 174 -13.39 -2.37 -1.02
C LEU A 174 -13.60 -1.60 0.28
N PHE A 175 -13.84 -2.32 1.37
CA PHE A 175 -14.01 -1.69 2.67
C PHE A 175 -13.24 -2.47 3.72
N GLY A 176 -12.81 -1.78 4.76
CA GLY A 176 -12.08 -2.40 5.83
C GLY A 176 -11.36 -1.38 6.67
N PRO A 177 -10.52 -1.84 7.60
CA PRO A 177 -9.75 -0.92 8.44
C PRO A 177 -8.77 -0.11 7.61
N PRO A 178 -8.37 1.06 8.07
CA PRO A 178 -7.42 1.87 7.29
C PRO A 178 -6.06 1.21 7.23
N GLY A 179 -5.42 1.35 6.07
CA GLY A 179 -4.09 0.78 5.88
C GLY A 179 -4.06 -0.72 5.77
N THR A 180 -5.11 -1.36 5.28
CA THR A 180 -5.12 -2.79 5.05
C THR A 180 -4.73 -3.16 3.63
N GLY A 181 -4.31 -2.18 2.83
CA GLY A 181 -3.89 -2.45 1.47
C GLY A 181 -4.98 -2.27 0.43
N LYS A 182 -6.10 -1.62 0.78
CA LYS A 182 -7.19 -1.46 -0.18
C LYS A 182 -6.71 -0.75 -1.42
N SER A 183 -6.08 0.42 -1.26
CA SER A 183 -5.58 1.17 -2.41
C SER A 183 -4.47 0.41 -3.13
N TYR A 184 -3.55 -0.18 -2.37
CA TYR A 184 -2.46 -0.93 -2.99
C TYR A 184 -2.98 -2.14 -3.75
N LEU A 185 -4.06 -2.76 -3.27
CA LEU A 185 -4.66 -3.88 -3.99
C LEU A 185 -5.30 -3.41 -5.29
N ALA A 186 -5.79 -2.17 -5.33
CA ALA A 186 -6.36 -1.64 -6.55
C ALA A 186 -5.29 -1.45 -7.62
N LYS A 187 -4.09 -1.05 -7.22
CA LYS A 187 -3.01 -0.92 -8.19
C LYS A 187 -2.57 -2.28 -8.71
N ALA A 188 -2.52 -3.28 -7.84
CA ALA A 188 -2.10 -4.61 -8.28
C ALA A 188 -3.09 -5.19 -9.29
N VAL A 189 -4.39 -5.04 -9.04
CA VAL A 189 -5.36 -5.58 -9.98
C VAL A 189 -5.28 -4.82 -11.30
N ALA A 190 -4.99 -3.53 -11.27
CA ALA A 190 -4.87 -2.76 -12.50
C ALA A 190 -3.66 -3.22 -13.31
N THR A 191 -2.55 -3.50 -12.63
CA THR A 191 -1.35 -3.94 -13.33
C THR A 191 -1.55 -5.29 -14.00
N GLU A 192 -2.36 -6.16 -13.39
CA GLU A 192 -2.43 -7.55 -13.85
C GLU A 192 -3.31 -7.71 -15.09
N ALA A 193 -4.32 -6.87 -15.27
CA ALA A 193 -5.10 -6.94 -16.50
C ALA A 193 -4.28 -6.50 -17.71
N ASN A 194 -3.43 -5.48 -17.54
CA ASN A 194 -2.56 -4.93 -18.57
C ASN A 194 -3.33 -4.44 -19.80
N ASN A 195 -4.26 -5.24 -20.31
CA ASN A 195 -5.11 -4.79 -21.41
C ASN A 195 -5.92 -3.56 -21.00
N SER A 196 -6.43 -3.55 -19.77
CA SER A 196 -7.22 -2.42 -19.30
C SER A 196 -6.32 -1.21 -19.06
N THR A 197 -6.96 -0.09 -18.75
CA THR A 197 -6.27 1.15 -18.41
C THR A 197 -6.68 1.59 -17.01
N PHE A 198 -5.75 2.21 -16.29
CA PHE A 198 -5.95 2.60 -14.91
C PHE A 198 -6.16 4.11 -14.83
N PHE A 199 -7.31 4.53 -14.30
CA PHE A 199 -7.60 5.93 -14.02
C PHE A 199 -7.78 6.02 -12.50
N SER A 200 -6.68 6.31 -11.81
CA SER A 200 -6.68 6.45 -10.34
C SER A 200 -7.06 7.88 -10.01
N ILE A 201 -8.35 8.12 -9.82
CA ILE A 201 -8.82 9.43 -9.38
C ILE A 201 -8.86 9.44 -7.87
N SER A 202 -8.53 10.59 -7.31
CA SER A 202 -8.44 10.75 -5.87
C SER A 202 -9.77 11.20 -5.28
N SER A 203 -9.86 11.16 -3.96
CA SER A 203 -10.95 11.83 -3.27
C SER A 203 -10.70 13.33 -3.11
N SER A 204 -9.48 13.80 -3.40
CA SER A 204 -9.16 15.22 -3.32
C SER A 204 -10.04 16.00 -4.29
N SER A 214 -17.97 20.48 -10.65
CA SER A 214 -16.92 19.83 -11.41
C SER A 214 -17.43 18.60 -12.15
N GLU A 215 -18.65 18.71 -12.71
CA GLU A 215 -19.25 17.59 -13.41
C GLU A 215 -18.60 17.34 -14.77
N LYS A 216 -17.94 18.35 -15.35
CA LYS A 216 -17.29 18.17 -16.64
C LYS A 216 -16.03 17.31 -16.54
N LEU A 217 -15.42 17.23 -15.36
CA LEU A 217 -14.24 16.41 -15.16
C LEU A 217 -14.57 14.93 -15.10
N VAL A 218 -15.81 14.58 -14.77
CA VAL A 218 -16.22 13.18 -14.65
C VAL A 218 -16.99 12.77 -15.89
N LYS A 219 -17.67 13.74 -16.51
CA LYS A 219 -18.30 13.47 -17.80
C LYS A 219 -17.28 12.99 -18.82
N ASN A 220 -16.13 13.65 -18.88
CA ASN A 220 -15.01 13.20 -19.70
C ASN A 220 -14.27 12.02 -19.06
N LEU A 221 -14.32 11.89 -17.73
CA LEU A 221 -13.77 10.72 -17.08
C LEU A 221 -14.43 9.45 -17.59
N PHE A 222 -15.76 9.44 -17.66
CA PHE A 222 -16.45 8.30 -18.25
C PHE A 222 -16.36 8.31 -19.76
N GLN A 223 -16.31 9.49 -20.37
CA GLN A 223 -16.15 9.56 -21.82
C GLN A 223 -14.83 8.94 -22.26
N LEU A 224 -13.74 9.27 -21.56
CA LEU A 224 -12.46 8.64 -21.88
C LEU A 224 -12.43 7.20 -21.42
N ALA A 225 -13.26 6.82 -20.45
CA ALA A 225 -13.37 5.41 -20.10
C ALA A 225 -13.88 4.59 -21.28
N ARG A 226 -15.03 4.97 -21.84
CA ARG A 226 -15.69 4.14 -22.84
C ARG A 226 -14.95 4.11 -24.18
N GLU A 227 -14.11 5.11 -24.47
CA GLU A 227 -13.33 5.07 -25.71
C GLU A 227 -12.24 4.00 -25.64
N ASN A 228 -11.72 3.73 -24.45
CA ASN A 228 -10.65 2.75 -24.24
C ASN A 228 -11.21 1.61 -23.39
N LYS A 229 -11.71 0.57 -24.05
CA LYS A 229 -12.19 -0.58 -23.31
C LYS A 229 -11.33 -1.80 -23.61
N PRO A 230 -11.12 -2.69 -22.62
CA PRO A 230 -11.62 -2.59 -21.24
C PRO A 230 -10.85 -1.57 -20.41
N SER A 231 -11.47 -1.09 -19.34
CA SER A 231 -10.83 -0.11 -18.47
C SER A 231 -11.46 -0.17 -17.09
N ILE A 232 -10.76 0.39 -16.11
CA ILE A 232 -11.22 0.42 -14.73
C ILE A 232 -10.95 1.81 -14.16
N ILE A 233 -11.75 2.20 -13.16
CA ILE A 233 -11.64 3.49 -12.49
C ILE A 233 -11.61 3.24 -10.99
N PHE A 234 -10.48 3.51 -10.36
CA PHE A 234 -10.36 3.38 -8.92
C PHE A 234 -10.60 4.73 -8.26
N ILE A 235 -11.47 4.74 -7.26
CA ILE A 235 -11.81 5.95 -6.52
C ILE A 235 -11.46 5.68 -5.06
N ASP A 236 -10.22 6.02 -4.68
CA ASP A 236 -9.80 5.86 -3.30
C ASP A 236 -10.56 6.82 -2.40
N GLU A 237 -10.87 6.36 -1.19
CA GLU A 237 -11.62 7.16 -0.22
C GLU A 237 -12.95 7.62 -0.81
N ILE A 238 -13.73 6.65 -1.31
CA ILE A 238 -15.02 6.97 -1.92
C ILE A 238 -16.07 7.36 -0.87
N ASP A 239 -15.74 7.20 0.42
CA ASP A 239 -16.55 7.80 1.48
C ASP A 239 -16.62 9.31 1.36
N SER A 240 -15.83 9.90 0.46
CA SER A 240 -15.99 11.29 0.05
C SER A 240 -17.44 11.76 0.07
N LEU A 241 -18.30 11.10 -0.70
CA LEU A 241 -19.71 11.46 -0.76
C LEU A 241 -20.36 11.29 0.61
N CYS A 242 -21.56 11.86 0.74
CA CYS A 242 -22.43 11.74 1.91
C CYS A 242 -21.93 12.55 3.10
N SER A 250 -26.44 19.71 4.48
CA SER A 250 -25.29 20.41 4.97
C SER A 250 -24.54 21.31 4.00
N GLU A 251 -24.35 20.90 2.75
CA GLU A 251 -23.45 21.67 1.89
C GLU A 251 -23.94 21.73 0.45
N ALA A 252 -23.35 22.68 -0.30
CA ALA A 252 -23.68 22.87 -1.72
C ALA A 252 -22.96 21.88 -2.61
N ALA A 253 -21.72 21.51 -2.27
CA ALA A 253 -21.02 20.48 -3.04
C ALA A 253 -21.76 19.15 -3.00
N ARG A 254 -22.53 18.92 -1.93
CA ARG A 254 -23.44 17.78 -1.84
C ARG A 254 -24.26 17.62 -3.11
N ARG A 255 -24.79 18.73 -3.61
CA ARG A 255 -25.61 18.72 -4.82
C ARG A 255 -24.83 18.25 -6.03
N ILE A 256 -23.54 18.61 -6.13
CA ILE A 256 -22.74 18.25 -7.29
C ILE A 256 -22.37 16.77 -7.32
N LYS A 257 -22.63 16.04 -6.23
CA LYS A 257 -22.24 14.63 -6.14
C LYS A 257 -23.08 13.73 -7.04
N THR A 258 -24.15 14.25 -7.63
CA THR A 258 -25.05 13.41 -8.42
C THR A 258 -24.44 12.98 -9.74
N GLU A 259 -23.38 13.65 -10.20
CA GLU A 259 -22.85 13.36 -11.53
C GLU A 259 -22.22 11.97 -11.63
N PHE A 260 -21.81 11.37 -10.50
CA PHE A 260 -21.15 10.08 -10.54
C PHE A 260 -22.11 8.94 -10.84
N LEU A 261 -23.35 9.05 -10.37
CA LEU A 261 -24.30 7.95 -10.50
C LEU A 261 -24.95 7.88 -11.88
N VAL A 262 -24.96 9.00 -12.60
CA VAL A 262 -25.52 8.99 -13.96
C VAL A 262 -24.81 7.96 -14.82
N GLN A 263 -23.49 7.86 -14.68
CA GLN A 263 -22.71 6.99 -15.56
C GLN A 263 -22.95 5.52 -15.26
N MET A 264 -23.18 5.17 -14.00
CA MET A 264 -23.28 3.75 -13.64
C MET A 264 -24.51 3.10 -14.25
N GLN A 265 -25.60 3.83 -14.40
CA GLN A 265 -26.79 3.30 -15.07
C GLN A 265 -27.53 4.42 -15.81
N VAL A 269 -26.96 5.07 -22.27
CA VAL A 269 -25.58 4.81 -21.88
C VAL A 269 -25.20 3.38 -22.25
N ASP A 270 -23.90 3.15 -22.46
CA ASP A 270 -23.38 1.80 -22.73
C ASP A 270 -22.09 1.62 -21.95
N ASN A 271 -22.10 0.72 -20.98
CA ASN A 271 -20.92 0.41 -20.17
C ASN A 271 -20.77 -1.11 -20.12
N ASP A 272 -19.72 -1.61 -20.76
CA ASP A 272 -19.41 -3.04 -20.68
C ASP A 272 -17.99 -3.29 -20.19
N GLY A 273 -17.00 -2.64 -20.79
CA GLY A 273 -15.63 -2.89 -20.41
C GLY A 273 -15.12 -1.96 -19.32
N ILE A 274 -16.04 -1.33 -18.59
CA ILE A 274 -15.69 -0.39 -17.53
C ILE A 274 -16.15 -0.94 -16.19
N LEU A 275 -15.27 -0.84 -15.20
CA LEU A 275 -15.51 -1.31 -13.84
C LEU A 275 -14.97 -0.26 -12.88
N VAL A 276 -15.72 0.01 -11.82
CA VAL A 276 -15.36 1.06 -10.87
C VAL A 276 -14.98 0.42 -9.55
N LEU A 277 -13.74 0.63 -9.12
CA LEU A 277 -13.27 0.17 -7.83
C LEU A 277 -13.51 1.25 -6.78
N GLY A 278 -14.36 0.95 -5.81
CA GLY A 278 -14.56 1.82 -4.67
C GLY A 278 -13.78 1.31 -3.46
N ALA A 279 -13.23 2.24 -2.70
CA ALA A 279 -12.47 1.90 -1.51
C ALA A 279 -12.70 2.93 -0.44
N THR A 280 -12.90 2.46 0.80
CA THR A 280 -13.08 3.36 1.93
C THR A 280 -12.88 2.58 3.22
N ASN A 281 -12.55 3.32 4.27
CA ASN A 281 -12.45 2.76 5.62
C ASN A 281 -13.73 2.90 6.42
N ILE A 282 -14.63 3.80 6.00
CA ILE A 282 -15.89 4.00 6.70
C ILE A 282 -17.03 3.70 5.72
N PRO A 283 -17.34 2.43 5.46
CA PRO A 283 -18.37 2.13 4.47
C PRO A 283 -19.78 2.48 4.92
N TRP A 284 -20.00 2.72 6.22
CA TRP A 284 -21.35 2.97 6.70
C TRP A 284 -21.84 4.38 6.40
N VAL A 285 -20.95 5.37 6.41
CA VAL A 285 -21.37 6.73 6.12
C VAL A 285 -21.87 6.88 4.69
N LEU A 286 -21.53 5.92 3.82
CA LEU A 286 -21.97 5.98 2.43
C LEU A 286 -23.49 5.90 2.34
N ASP A 287 -24.09 6.74 1.50
CA ASP A 287 -25.53 6.71 1.35
C ASP A 287 -25.99 5.45 0.62
N SER A 288 -27.31 5.24 0.59
CA SER A 288 -27.84 3.99 0.06
C SER A 288 -27.82 3.95 -1.46
N ALA A 289 -27.87 5.11 -2.12
CA ALA A 289 -27.96 5.13 -3.57
C ALA A 289 -26.69 4.58 -4.22
N ILE A 290 -25.51 4.96 -3.71
CA ILE A 290 -24.28 4.40 -4.24
C ILE A 290 -24.04 3.00 -3.70
N ARG A 291 -24.55 2.71 -2.49
CA ARG A 291 -24.28 1.42 -1.87
C ARG A 291 -24.92 0.30 -2.67
N ARG A 292 -26.18 0.48 -3.08
CA ARG A 292 -26.84 -0.46 -3.97
C ARG A 292 -26.16 -0.53 -5.35
N ARG A 293 -25.26 0.40 -5.66
CA ARG A 293 -24.63 0.40 -6.97
C ARG A 293 -23.42 -0.52 -7.04
N PHE A 294 -22.69 -0.65 -5.94
CA PHE A 294 -21.57 -1.60 -5.87
C PHE A 294 -22.14 -2.94 -5.43
N GLU A 295 -22.54 -3.75 -6.41
CA GLU A 295 -23.19 -5.03 -6.13
C GLU A 295 -22.25 -6.06 -5.53
N LYS A 296 -20.94 -5.83 -5.60
CA LYS A 296 -19.94 -6.72 -4.99
C LYS A 296 -19.12 -5.91 -4.00
N ARG A 297 -19.07 -6.36 -2.76
CA ARG A 297 -18.36 -5.67 -1.70
C ARG A 297 -17.40 -6.65 -1.03
N ILE A 298 -16.15 -6.25 -0.88
CA ILE A 298 -15.10 -7.10 -0.36
C ILE A 298 -14.49 -6.44 0.87
N TYR A 299 -14.39 -7.20 1.96
CA TYR A 299 -13.75 -6.72 3.17
C TYR A 299 -12.27 -7.11 3.13
N ILE A 300 -11.41 -6.12 3.30
CA ILE A 300 -9.96 -6.34 3.32
C ILE A 300 -9.53 -6.38 4.79
N PRO A 301 -9.07 -7.52 5.29
CA PRO A 301 -8.80 -7.65 6.73
C PRO A 301 -7.43 -7.12 7.12
N LEU A 302 -7.22 -7.05 8.42
CA LEU A 302 -5.90 -6.75 8.94
C LEU A 302 -4.94 -7.89 8.56
N PRO A 303 -3.66 -7.59 8.39
CA PRO A 303 -2.73 -8.62 7.91
C PRO A 303 -2.48 -9.70 8.95
N GLU A 304 -2.18 -10.90 8.45
CA GLU A 304 -1.80 -12.03 9.27
C GLU A 304 -0.30 -12.00 9.58
N PRO A 305 0.15 -12.78 10.57
CA PRO A 305 1.58 -12.72 10.93
C PRO A 305 2.54 -12.93 9.76
N HIS A 306 2.30 -13.95 8.92
CA HIS A 306 3.17 -14.17 7.77
CA HIS A 306 3.18 -14.17 7.78
C HIS A 306 3.20 -12.96 6.86
N ALA A 307 2.05 -12.30 6.69
CA ALA A 307 1.99 -11.11 5.83
C ALA A 307 2.70 -9.93 6.48
N ARG A 308 2.64 -9.81 7.80
CA ARG A 308 3.33 -8.70 8.46
C ARG A 308 4.84 -8.91 8.42
N ALA A 309 5.29 -10.16 8.57
CA ALA A 309 6.71 -10.44 8.45
C ALA A 309 7.22 -10.10 7.06
N ALA A 310 6.45 -10.46 6.03
CA ALA A 310 6.83 -10.09 4.67
C ALA A 310 6.96 -8.58 4.53
N MET A 311 5.97 -7.83 5.03
CA MET A 311 5.96 -6.39 4.83
C MET A 311 7.07 -5.68 5.58
N PHE A 312 7.61 -6.28 6.64
CA PHE A 312 8.83 -5.72 7.23
C PHE A 312 10.00 -5.88 6.28
N LYS A 313 10.07 -7.01 5.57
CA LYS A 313 11.15 -7.22 4.61
C LYS A 313 10.96 -6.36 3.37
N LEU A 314 9.71 -6.16 2.94
CA LEU A 314 9.47 -5.43 1.70
C LEU A 314 9.72 -3.94 1.86
N HIS A 315 9.28 -3.36 2.97
CA HIS A 315 9.52 -1.94 3.23
C HIS A 315 10.99 -1.62 3.43
N LEU A 316 11.84 -2.63 3.64
CA LEU A 316 13.28 -2.40 3.72
C LEU A 316 13.86 -2.19 2.33
N GLY A 317 13.43 -2.98 1.35
CA GLY A 317 13.96 -2.83 0.00
C GLY A 317 15.39 -3.33 -0.08
N THR A 318 16.20 -2.59 -0.84
CA THR A 318 17.59 -2.96 -1.07
C THR A 318 18.54 -2.33 -0.05
N THR A 319 18.02 -1.63 0.95
CA THR A 319 18.89 -0.92 1.88
C THR A 319 19.63 -1.92 2.76
N GLN A 320 20.80 -1.50 3.25
CA GLN A 320 21.68 -2.39 4.00
C GLN A 320 21.08 -2.70 5.36
N ASN A 321 20.88 -3.99 5.65
CA ASN A 321 20.33 -4.42 6.92
C ASN A 321 20.91 -5.77 7.29
N SER A 322 20.81 -6.11 8.58
CA SER A 322 21.35 -7.34 9.11
C SER A 322 20.26 -8.24 9.70
N LEU A 323 19.02 -8.09 9.23
CA LEU A 323 17.92 -8.90 9.73
C LEU A 323 17.95 -10.28 9.06
N THR A 324 17.76 -11.32 9.87
CA THR A 324 17.66 -12.67 9.35
C THR A 324 16.19 -13.04 9.16
N GLU A 325 15.97 -14.12 8.39
CA GLU A 325 14.60 -14.59 8.17
C GLU A 325 13.91 -14.91 9.48
N ALA A 326 14.64 -15.43 10.46
CA ALA A 326 14.08 -15.64 11.80
C ALA A 326 13.70 -14.34 12.47
N ASP A 327 14.35 -13.24 12.10
CA ASP A 327 13.98 -11.95 12.67
C ASP A 327 12.62 -11.48 12.16
N PHE A 328 12.42 -11.50 10.84
CA PHE A 328 11.16 -11.04 10.27
C PHE A 328 9.97 -11.78 10.87
N ARG A 329 10.11 -13.10 11.04
CA ARG A 329 9.04 -13.87 11.68
C ARG A 329 8.77 -13.37 13.10
N GLU A 330 9.83 -13.04 13.85
CA GLU A 330 9.64 -12.51 15.19
C GLU A 330 8.93 -11.15 15.17
N LEU A 331 9.18 -10.32 14.14
CA LEU A 331 8.46 -9.06 14.05
C LEU A 331 6.98 -9.27 13.77
N GLY A 332 6.63 -10.38 13.13
CA GLY A 332 5.23 -10.68 12.90
C GLY A 332 4.48 -10.90 14.21
N ARG A 333 5.06 -11.69 15.11
CA ARG A 333 4.36 -12.02 16.36
C ARG A 333 4.22 -10.80 17.25
N LYS A 334 5.24 -9.94 17.29
CA LYS A 334 5.19 -8.78 18.16
C LYS A 334 4.24 -7.70 17.66
N THR A 335 3.80 -7.79 16.41
CA THR A 335 2.91 -6.78 15.81
C THR A 335 1.55 -7.41 15.55
N ASP A 336 0.77 -7.58 16.61
CA ASP A 336 -0.58 -8.13 16.50
C ASP A 336 -1.58 -6.99 16.51
N GLY A 337 -2.44 -6.95 15.50
CA GLY A 337 -3.36 -5.85 15.31
C GLY A 337 -2.80 -4.67 14.56
N TYR A 338 -1.52 -4.69 14.19
CA TYR A 338 -0.91 -3.55 13.52
C TYR A 338 -1.39 -3.48 12.07
N SER A 339 -1.68 -2.27 11.62
CA SER A 339 -2.12 -2.04 10.26
C SER A 339 -0.98 -2.30 9.28
N GLY A 340 -1.29 -2.20 7.98
CA GLY A 340 -0.22 -2.15 7.00
C GLY A 340 0.48 -0.81 7.01
N ALA A 341 -0.29 0.27 7.14
CA ALA A 341 0.31 1.59 7.31
C ALA A 341 1.15 1.66 8.57
N ASP A 342 0.73 0.97 9.63
CA ASP A 342 1.47 1.01 10.89
C ASP A 342 2.85 0.39 10.73
N ILE A 343 2.96 -0.71 9.99
CA ILE A 343 4.27 -1.32 9.76
C ILE A 343 5.14 -0.38 8.94
N SER A 344 4.56 0.26 7.92
CA SER A 344 5.33 1.20 7.11
C SER A 344 5.87 2.35 7.95
N ILE A 345 5.14 2.74 9.01
CA ILE A 345 5.63 3.79 9.89
C ILE A 345 6.85 3.31 10.66
N ILE A 346 6.84 2.05 11.11
CA ILE A 346 7.88 1.56 11.99
C ILE A 346 9.23 1.51 11.27
N VAL A 347 9.25 1.02 10.03
CA VAL A 347 10.52 0.81 9.36
C VAL A 347 11.13 2.11 8.87
N ARG A 348 10.31 3.10 8.52
CA ARG A 348 10.85 4.39 8.09
C ARG A 348 11.63 5.05 9.22
N ASP A 349 11.15 4.91 10.46
CA ASP A 349 11.93 5.39 11.60
C ASP A 349 13.17 4.54 11.80
N ALA A 350 13.05 3.22 11.60
CA ALA A 350 14.22 2.35 11.73
C ALA A 350 15.22 2.60 10.60
N LEU A 351 14.72 2.94 9.42
CA LEU A 351 15.62 3.29 8.32
C LEU A 351 16.42 4.56 8.64
N MET A 352 15.82 5.49 9.37
CA MET A 352 16.47 6.78 9.61
C MET A 352 17.51 6.74 10.73
N GLN A 353 17.82 5.58 11.29
CA GLN A 353 18.77 5.57 12.39
C GLN A 353 20.21 5.53 11.90
N PRO A 354 20.53 4.83 10.80
CA PRO A 354 21.87 5.00 10.20
C PRO A 354 22.22 6.45 9.91
N VAL A 355 21.34 7.20 9.22
CA VAL A 355 21.63 8.59 8.93
C VAL A 355 21.75 9.39 10.22
N ARG A 356 20.89 9.10 11.20
CA ARG A 356 21.00 9.79 12.48
C ARG A 356 22.31 9.47 13.19
N LYS A 357 22.80 8.23 13.05
CA LYS A 357 24.08 7.88 13.65
C LYS A 357 25.22 8.62 12.97
N VAL A 358 25.13 8.81 11.65
CA VAL A 358 26.16 9.57 10.96
C VAL A 358 26.11 11.04 11.36
N GLN A 359 24.92 11.63 11.36
CA GLN A 359 24.78 13.05 11.66
C GLN A 359 25.18 13.39 13.10
N SER A 360 25.23 12.40 13.98
CA SER A 360 25.49 12.64 15.39
C SER A 360 26.83 12.08 15.86
N ALA A 361 27.51 11.28 15.04
CA ALA A 361 28.73 10.64 15.48
C ALA A 361 29.83 11.67 15.73
N THR A 362 30.56 11.48 16.82
CA THR A 362 31.73 12.28 17.13
C THR A 362 33.04 11.58 16.78
N HIS A 363 32.97 10.34 16.30
CA HIS A 363 34.16 9.56 15.98
C HIS A 363 33.86 8.64 14.81
N PHE A 364 34.88 8.38 14.00
CA PHE A 364 34.78 7.47 12.88
C PHE A 364 36.01 6.57 12.84
N LYS A 365 35.86 5.39 12.24
CA LYS A 365 36.95 4.43 12.15
C LYS A 365 37.12 3.99 10.70
N LYS A 366 38.38 3.89 10.27
CA LYS A 366 38.67 3.35 8.95
C LYS A 366 38.26 1.89 8.89
N VAL A 367 37.67 1.48 7.76
CA VAL A 367 37.09 0.15 7.64
C VAL A 367 37.17 -0.30 6.19
N ARG A 368 37.29 -1.61 6.00
CA ARG A 368 37.24 -2.20 4.67
C ARG A 368 35.79 -2.39 4.24
N GLY A 369 35.59 -2.41 2.92
CA GLY A 369 34.26 -2.56 2.38
C GLY A 369 34.21 -2.30 0.89
N PRO A 370 33.06 -2.53 0.28
CA PRO A 370 32.93 -2.27 -1.16
C PRO A 370 32.99 -0.77 -1.46
N SER A 371 33.71 -0.43 -2.52
CA SER A 371 33.84 0.96 -2.95
C SER A 371 32.51 1.50 -3.46
N ARG A 372 32.26 2.78 -3.18
CA ARG A 372 31.02 3.41 -3.62
C ARG A 372 30.99 3.64 -5.12
N ALA A 373 32.14 3.59 -5.79
CA ALA A 373 32.18 3.72 -7.24
C ALA A 373 31.98 2.39 -7.95
N ASP A 374 32.51 1.31 -7.39
CA ASP A 374 32.33 -0.04 -7.93
C ASP A 374 32.10 -1.01 -6.78
N PRO A 375 30.90 -1.61 -6.68
CA PRO A 375 30.62 -2.53 -5.57
C PRO A 375 31.42 -3.82 -5.62
N ASN A 376 32.18 -4.07 -6.69
CA ASN A 376 32.95 -5.30 -6.86
C ASN A 376 34.39 -5.17 -6.38
N HIS A 377 34.82 -3.99 -5.98
CA HIS A 377 36.20 -3.75 -5.59
C HIS A 377 36.22 -3.33 -4.13
N LEU A 378 36.85 -4.14 -3.29
CA LEU A 378 36.93 -3.82 -1.87
C LEU A 378 38.03 -2.79 -1.65
N VAL A 379 37.73 -1.80 -0.79
CA VAL A 379 38.62 -0.67 -0.55
C VAL A 379 38.81 -0.53 0.96
N ASP A 380 39.86 0.21 1.33
CA ASP A 380 40.25 0.30 2.73
C ASP A 380 40.09 1.69 3.34
N ASP A 381 39.93 2.74 2.54
CA ASP A 381 39.88 4.10 3.05
C ASP A 381 38.47 4.53 3.45
N LEU A 382 37.56 3.59 3.69
CA LEU A 382 36.21 3.97 4.06
C LEU A 382 36.13 4.35 5.54
N LEU A 383 35.19 5.22 5.85
CA LEU A 383 34.94 5.67 7.21
C LEU A 383 33.51 5.36 7.61
N THR A 384 33.33 4.86 8.83
CA THR A 384 32.02 4.54 9.38
C THR A 384 31.95 5.03 10.82
N PRO A 385 30.76 5.42 11.29
CA PRO A 385 30.65 5.90 12.67
C PRO A 385 31.04 4.80 13.66
N CYS A 386 31.89 5.17 14.60
CA CYS A 386 32.36 4.25 15.63
C CYS A 386 31.99 4.82 17.00
N SER A 387 32.24 4.04 18.03
CA SER A 387 32.01 4.65 19.34
C SER A 387 33.32 5.20 19.90
N PRO A 388 33.24 6.24 20.75
CA PRO A 388 34.43 7.06 21.04
C PRO A 388 35.65 6.33 21.58
N GLY A 389 35.57 5.02 21.81
CA GLY A 389 36.69 4.30 22.37
C GLY A 389 37.16 3.11 21.57
N ASP A 390 36.50 2.83 20.46
CA ASP A 390 36.87 1.66 19.66
C ASP A 390 38.27 1.83 19.07
N PRO A 391 38.98 0.73 18.83
CA PRO A 391 40.31 0.81 18.20
C PRO A 391 40.24 1.54 16.86
N GLY A 392 40.99 2.63 16.76
CA GLY A 392 41.01 3.41 15.54
C GLY A 392 40.09 4.61 15.54
N ALA A 393 39.56 5.00 16.70
CA ALA A 393 38.67 6.15 16.76
C ALA A 393 39.39 7.40 16.31
N ILE A 394 38.65 8.29 15.64
CA ILE A 394 39.16 9.57 15.16
C ILE A 394 38.13 10.63 15.47
N GLU A 395 38.54 11.68 16.17
CA GLU A 395 37.64 12.78 16.52
C GLU A 395 37.31 13.57 15.27
N MET A 396 36.17 13.25 14.66
CA MET A 396 35.73 13.91 13.43
C MET A 396 34.24 13.69 13.27
N THR A 397 33.59 14.61 12.57
CA THR A 397 32.18 14.50 12.27
C THR A 397 31.98 14.32 10.77
N TRP A 398 30.72 14.17 10.36
CA TRP A 398 30.40 13.85 8.98
C TRP A 398 30.91 14.89 7.99
N MET A 399 31.20 16.10 8.45
CA MET A 399 31.73 17.12 7.55
C MET A 399 33.12 16.74 7.06
N ASP A 400 33.93 16.13 7.92
CA ASP A 400 35.30 15.75 7.58
C ASP A 400 35.40 14.42 6.87
N VAL A 401 34.28 13.75 6.58
CA VAL A 401 34.28 12.49 5.85
C VAL A 401 33.96 12.80 4.39
N PRO A 402 34.80 12.40 3.44
CA PRO A 402 34.48 12.65 2.03
C PRO A 402 33.20 11.92 1.63
N GLY A 403 32.51 12.50 0.63
CA GLY A 403 31.23 11.95 0.22
C GLY A 403 31.31 10.50 -0.20
N ASP A 404 32.39 10.11 -0.89
CA ASP A 404 32.53 8.76 -1.42
C ASP A 404 33.28 7.83 -0.47
N LYS A 405 33.48 8.22 0.78
CA LYS A 405 34.22 7.39 1.73
C LYS A 405 33.36 6.92 2.90
N LEU A 406 32.11 7.36 2.99
CA LEU A 406 31.25 7.00 4.11
C LEU A 406 30.66 5.62 3.89
N LEU A 407 30.89 4.72 4.84
CA LEU A 407 30.22 3.42 4.88
C LEU A 407 29.02 3.54 5.80
N GLU A 408 27.83 3.38 5.25
CA GLU A 408 26.61 3.57 6.04
C GLU A 408 26.48 2.44 7.05
N PRO A 409 26.12 2.73 8.30
CA PRO A 409 25.79 1.67 9.24
C PRO A 409 24.53 0.93 8.82
N VAL A 410 24.50 -0.37 9.11
CA VAL A 410 23.40 -1.22 8.68
C VAL A 410 22.22 -1.04 9.61
N VAL A 411 21.02 -1.29 9.10
CA VAL A 411 19.81 -1.25 9.91
C VAL A 411 19.76 -2.53 10.74
N SER A 412 19.89 -2.37 12.06
CA SER A 412 19.94 -3.48 12.99
C SER A 412 18.54 -4.07 13.20
N MET A 413 18.48 -5.09 14.05
CA MET A 413 17.19 -5.54 14.59
C MET A 413 16.80 -4.79 15.84
N SER A 414 17.76 -4.47 16.71
CA SER A 414 17.45 -3.63 17.85
C SER A 414 16.94 -2.27 17.39
N ASP A 415 17.43 -1.78 16.24
CA ASP A 415 16.89 -0.55 15.68
C ASP A 415 15.40 -0.69 15.39
N MET A 416 15.00 -1.77 14.73
CA MET A 416 13.60 -1.96 14.38
C MET A 416 12.75 -2.20 15.62
N LEU A 417 13.28 -2.95 16.59
CA LEU A 417 12.58 -3.11 17.86
C LEU A 417 12.44 -1.78 18.58
N ARG A 418 13.45 -0.92 18.49
CA ARG A 418 13.39 0.38 19.16
C ARG A 418 12.30 1.26 18.56
N SER A 419 12.02 1.10 17.27
CA SER A 419 10.95 1.87 16.66
C SER A 419 9.62 1.14 16.74
N LEU A 420 9.66 -0.19 16.84
CA LEU A 420 8.43 -0.94 17.10
C LEU A 420 7.81 -0.54 18.44
N SER A 421 8.64 -0.39 19.47
CA SER A 421 8.16 -0.04 20.80
C SER A 421 7.62 1.38 20.90
N ASN A 422 7.91 2.23 19.92
CA ASN A 422 7.50 3.63 19.98
C ASN A 422 6.20 3.89 19.22
N THR A 423 5.61 2.89 18.58
CA THR A 423 4.34 3.03 17.88
C THR A 423 3.43 1.88 18.28
N LYS A 424 2.14 2.16 18.30
CA LYS A 424 1.11 1.22 18.71
C LYS A 424 0.02 1.16 17.65
N PRO A 425 -0.78 0.08 17.64
CA PRO A 425 -1.76 -0.10 16.56
C PRO A 425 -2.74 1.07 16.47
N THR A 426 -2.96 1.53 15.24
CA THR A 426 -3.91 2.62 15.02
C THR A 426 -5.34 2.17 15.27
N VAL A 427 -5.68 0.94 14.88
CA VAL A 427 -7.06 0.47 14.96
C VAL A 427 -7.41 0.13 16.40
N ASN A 428 -8.69 0.22 16.70
CA ASN A 428 -9.25 -0.18 17.98
C ASN A 428 -10.32 -1.23 17.75
N GLU A 429 -10.71 -1.91 18.85
CA GLU A 429 -11.75 -2.92 18.74
C GLU A 429 -13.11 -2.31 18.40
N HIS A 430 -13.35 -1.05 18.81
CA HIS A 430 -14.61 -0.41 18.51
C HIS A 430 -14.78 -0.21 17.00
N ASP A 431 -13.73 0.28 16.33
CA ASP A 431 -13.84 0.57 14.91
C ASP A 431 -14.09 -0.69 14.08
N LEU A 432 -13.63 -1.85 14.55
CA LEU A 432 -13.80 -3.06 13.74
C LEU A 432 -15.22 -3.61 13.85
N LEU A 433 -15.78 -3.67 15.06
CA LEU A 433 -17.15 -4.16 15.18
C LEU A 433 -18.16 -3.25 14.48
N LYS A 434 -17.82 -1.99 14.24
CA LYS A 434 -18.67 -1.16 13.40
C LYS A 434 -18.58 -1.59 11.93
N LEU A 435 -17.41 -2.05 11.50
CA LEU A 435 -17.32 -2.71 10.20
C LEU A 435 -18.12 -4.00 10.20
N LYS A 436 -18.13 -4.71 11.34
CA LYS A 436 -18.96 -5.90 11.47
C LYS A 436 -20.44 -5.55 11.28
N LYS A 437 -20.86 -4.38 11.76
CA LYS A 437 -22.24 -3.95 11.54
C LYS A 437 -22.53 -3.80 10.06
N PHE A 438 -21.63 -3.15 9.32
CA PHE A 438 -21.83 -3.02 7.88
C PHE A 438 -21.72 -4.36 7.17
N THR A 439 -20.84 -5.25 7.65
CA THR A 439 -20.57 -6.51 6.97
C THR A 439 -21.80 -7.42 6.91
N GLU A 440 -22.78 -7.21 7.79
CA GLU A 440 -23.95 -8.08 7.88
C GLU A 440 -25.26 -7.40 7.54
N ASP A 441 -25.38 -6.08 7.71
CA ASP A 441 -26.65 -5.42 7.44
C ASP A 441 -27.03 -5.49 5.97
N PHE A 442 -26.06 -5.25 5.08
CA PHE A 442 -26.34 -5.17 3.65
C PHE A 442 -25.81 -6.35 2.86
N GLY A 443 -24.85 -7.10 3.40
CA GLY A 443 -24.32 -8.26 2.71
C GLY A 443 -23.55 -7.90 1.46
N GLN A 444 -24.13 -8.21 0.30
CA GLN A 444 -23.48 -8.01 -0.98
C GLN A 444 -24.12 -6.92 -1.84
N GLU A 445 -25.45 -6.88 -1.91
CA GLU A 445 -26.15 -5.90 -2.72
C GLU A 445 -27.28 -5.20 -1.99
N GLY A 446 -27.56 -5.58 -0.73
CA GLY A 446 -28.62 -4.96 0.03
C GLY A 446 -28.23 -3.60 0.57
C10 XQV B . 4.29 -3.77 -0.45
C15 XQV B . -0.84 -5.42 2.46
C17 XQV B . -1.33 -3.35 3.54
C21 XQV B . 0.01 -1.30 3.14
C22 XQV B . -1.04 -0.39 3.22
C24 XQV B . 0.52 1.38 3.61
C26 XQV B . 1.31 -0.86 3.31
C01 XQV B . 7.66 -5.80 -5.52
C02 XQV B . 8.01 -4.42 -4.99
C03 XQV B . 6.98 -3.94 -3.96
C06 XQV B . 6.41 -3.42 -1.54
C07 XQV B . 6.67 -2.35 -0.71
C08 XQV B . 5.74 -1.99 0.26
C09 XQV B . 4.56 -2.70 0.39
C12 XQV B . 1.98 -4.38 0.57
C16 XQV B . -1.62 -4.68 3.33
C18 XQV B . -0.29 -2.77 2.89
C19 XQV B . 0.52 -3.55 1.99
C23 XQV B . -0.79 0.95 3.46
C25 XQV B . 1.56 0.48 3.54
C27 XQV B . 5.22 -4.12 -1.41
N05 XQV B . 7.36 -3.84 -2.57
N11 XQV B . 3.07 -4.56 -0.38
N13 XQV B . 1.13 -5.35 0.92
N14 XQV B . 0.23 -4.82 1.82
N20 XQV B . 1.61 -3.24 1.21
O04 XQV B . 5.90 -3.66 -4.33
S SO4 C . -5.55 1.26 2.54
O1 SO4 C . -5.88 2.32 3.48
O2 SO4 C . -6.28 0.04 2.89
O3 SO4 C . -5.92 1.67 1.18
O4 SO4 C . -4.12 1.00 2.61
#